data_5FN1
#
_entry.id   5FN1
#
_cell.length_a   1.000
_cell.length_b   1.000
_cell.length_c   1.000
_cell.angle_alpha   90.00
_cell.angle_beta   90.00
_cell.angle_gamma   90.00
#
_symmetry.space_group_name_H-M   'P 1'
#
loop_
_entity.id
_entity.type
_entity.pdbx_description
1 polymer 'COAT PROTEIN'
2 polymer "5'-R(*UP*UP*UP*UP*UP)-3'"
#
loop_
_entity_poly.entity_id
_entity_poly.type
_entity_poly.pdbx_seq_one_letter_code
_entity_poly.pdbx_strand_id
1 'polypeptide(L)'
;MPDTTPVAATSSAPPTAKDAGAKAPSDFSNPNTAPSLSDLKKVKYVSTVTSVATPAEIEALGKIFTAMGLAANETGPAMW
DLARAYADVQSSKSAQLIGATPSNPALSRRALAAQFDRINITPRQFCMYFAKVVWNILLDSNIPPANWAKLGYQEDTKFA
AFDFFDGVTNPASLQPADGLIRQPNEKELAAHSVAKYGALARQKISTGNYITTLGEVTRGHMGGANTMYAIDAPPEL
;
A
2 'polyribonucleotide' UUUUU B
#
# COMPACT_ATOMS: atom_id res chain seq x y z
N GLY A 21 33.35 -16.67 -28.09
CA GLY A 21 34.72 -16.10 -28.00
C GLY A 21 34.99 -15.38 -26.69
N ALA A 22 34.08 -14.50 -26.31
CA ALA A 22 34.18 -13.74 -25.06
C ALA A 22 33.91 -14.65 -23.85
N LYS A 23 34.89 -14.73 -22.94
CA LYS A 23 34.82 -15.62 -21.77
C LYS A 23 35.33 -14.90 -20.51
N ALA A 24 35.31 -15.61 -19.39
CA ALA A 24 35.88 -15.16 -18.12
C ALA A 24 35.07 -14.03 -17.45
N PRO A 25 33.88 -14.37 -16.90
CA PRO A 25 33.13 -13.42 -16.08
C PRO A 25 33.69 -13.23 -14.66
N SER A 26 34.56 -14.14 -14.21
CA SER A 26 35.22 -14.05 -12.91
C SER A 26 36.38 -13.03 -12.82
N ASP A 27 36.74 -12.41 -13.96
CA ASP A 27 37.79 -11.38 -13.99
C ASP A 27 37.47 -10.13 -13.16
N PHE A 28 36.18 -9.77 -13.07
CA PHE A 28 35.70 -8.63 -12.29
C PHE A 28 36.28 -7.32 -12.82
N SER A 29 36.01 -7.07 -14.10
CA SER A 29 36.58 -5.93 -14.85
C SER A 29 36.03 -5.88 -16.28
N ASN A 30 36.14 -7.01 -16.98
CA ASN A 30 35.68 -7.17 -18.37
C ASN A 30 34.25 -6.68 -18.64
N PRO A 31 33.97 -6.18 -19.87
CA PRO A 31 32.65 -5.64 -20.18
C PRO A 31 31.61 -6.72 -20.45
N ASN A 32 30.39 -6.52 -19.94
CA ASN A 32 29.26 -7.41 -20.22
C ASN A 32 28.67 -7.11 -21.60
N THR A 33 27.91 -8.05 -22.13
CA THR A 33 27.33 -7.94 -23.48
C THR A 33 25.85 -8.29 -23.50
N ALA A 34 25.19 -7.99 -24.63
CA ALA A 34 23.73 -8.13 -24.76
C ALA A 34 23.16 -9.55 -24.56
N PRO A 35 23.71 -10.57 -25.27
CA PRO A 35 23.20 -11.94 -25.06
C PRO A 35 23.47 -12.52 -23.67
N SER A 36 24.58 -12.13 -23.04
CA SER A 36 24.90 -12.56 -21.68
C SER A 36 23.97 -11.91 -20.65
N LEU A 37 23.86 -10.58 -20.72
CA LEU A 37 22.97 -9.81 -19.83
C LEU A 37 21.48 -10.15 -19.99
N SER A 38 21.08 -10.62 -21.17
CA SER A 38 19.70 -11.05 -21.42
C SER A 38 19.32 -12.31 -20.64
N ASP A 39 20.24 -13.28 -20.57
CA ASP A 39 19.96 -14.59 -19.94
C ASP A 39 20.56 -14.83 -18.54
N LEU A 40 21.72 -14.24 -18.26
CA LEU A 40 22.36 -14.37 -16.94
C LEU A 40 21.58 -13.61 -15.85
N LYS A 41 21.07 -12.44 -16.22
CA LYS A 41 20.18 -11.67 -15.33
C LYS A 41 18.80 -12.35 -15.33
N LYS A 42 18.63 -13.31 -14.43
CA LYS A 42 17.39 -14.08 -14.33
C LYS A 42 16.28 -13.20 -13.73
N VAL A 43 15.64 -12.42 -14.61
CA VAL A 43 14.64 -11.40 -14.26
C VAL A 43 15.06 -10.51 -13.06
N LYS A 44 16.35 -10.19 -13.00
CA LYS A 44 16.98 -9.49 -11.85
C LYS A 44 16.65 -10.18 -10.51
N TYR A 45 15.51 -9.82 -9.92
CA TYR A 45 14.91 -10.59 -8.83
C TYR A 45 13.41 -10.70 -9.17
N VAL A 46 12.60 -9.74 -8.72
CA VAL A 46 11.31 -9.42 -9.35
C VAL A 46 11.23 -7.88 -9.37
N SER A 47 10.87 -7.31 -8.22
CA SER A 47 11.06 -5.88 -7.95
C SER A 47 10.98 -5.69 -6.43
N THR A 48 11.85 -6.42 -5.72
CA THR A 48 11.74 -6.58 -4.27
C THR A 48 12.26 -5.34 -3.53
N VAL A 49 11.37 -4.35 -3.42
CA VAL A 49 11.64 -3.16 -2.61
C VAL A 49 11.02 -3.41 -1.22
N THR A 50 11.63 -2.82 -0.19
CA THR A 50 11.18 -3.01 1.20
C THR A 50 9.81 -2.39 1.50
N SER A 51 9.38 -1.42 0.68
CA SER A 51 8.06 -0.81 0.79
C SER A 51 6.88 -1.68 0.30
N VAL A 52 7.16 -2.86 -0.26
CA VAL A 52 6.12 -3.78 -0.75
C VAL A 52 6.41 -5.21 -0.32
N ALA A 53 5.35 -5.98 -0.03
CA ALA A 53 5.47 -7.34 0.51
C ALA A 53 5.89 -8.35 -0.55
N THR A 54 6.83 -9.22 -0.19
CA THR A 54 7.35 -10.26 -1.09
C THR A 54 6.36 -11.44 -1.20
N PRO A 55 6.33 -12.18 -2.34
CA PRO A 55 5.43 -13.33 -2.45
C PRO A 55 5.71 -14.55 -1.55
N ALA A 56 6.92 -14.64 -0.99
CA ALA A 56 7.27 -15.74 -0.07
C ALA A 56 6.57 -15.64 1.28
N GLU A 57 6.44 -14.43 1.82
CA GLU A 57 5.83 -14.21 3.13
C GLU A 57 4.31 -14.34 3.11
N ILE A 58 3.67 -13.80 2.07
CA ILE A 58 2.22 -13.96 1.87
C ILE A 58 1.80 -15.41 1.62
N GLU A 59 2.69 -16.23 1.07
CA GLU A 59 2.47 -17.68 0.95
C GLU A 59 2.34 -18.34 2.33
N ALA A 60 3.18 -17.90 3.28
CA ALA A 60 3.07 -18.34 4.67
C ALA A 60 1.83 -17.75 5.38
N LEU A 61 1.45 -16.54 4.99
CA LEU A 61 0.19 -15.93 5.45
C LEU A 61 -1.04 -16.64 4.88
N GLY A 62 -0.92 -17.20 3.68
CA GLY A 62 -1.96 -18.08 3.12
C GLY A 62 -2.10 -19.37 3.89
N LYS A 63 -0.98 -19.90 4.38
CA LYS A 63 -0.95 -21.10 5.22
C LYS A 63 -1.59 -20.88 6.60
N ILE A 64 -1.26 -19.76 7.24
CA ILE A 64 -1.77 -19.47 8.60
C ILE A 64 -3.27 -19.15 8.62
N PHE A 65 -3.78 -18.50 7.56
CA PHE A 65 -5.22 -18.25 7.43
C PHE A 65 -6.01 -19.54 7.22
N THR A 66 -5.46 -20.45 6.40
CA THR A 66 -6.06 -21.79 6.23
C THR A 66 -5.92 -22.64 7.49
N ALA A 67 -4.81 -22.48 8.21
CA ALA A 67 -4.61 -23.12 9.51
C ALA A 67 -5.55 -22.58 10.59
N MET A 68 -5.81 -21.27 10.56
CA MET A 68 -6.71 -20.62 11.51
C MET A 68 -8.19 -20.99 11.31
N GLY A 69 -8.59 -21.23 10.06
CA GLY A 69 -10.00 -21.48 9.75
C GLY A 69 -10.40 -21.65 8.29
N LEU A 70 -9.78 -20.88 7.39
CA LEU A 70 -10.14 -20.88 5.96
C LEU A 70 -9.90 -22.23 5.26
N ALA A 71 -10.59 -22.41 4.14
CA ALA A 71 -10.36 -23.55 3.24
C ALA A 71 -9.29 -23.18 2.22
N ALA A 72 -8.63 -24.19 1.67
CA ALA A 72 -7.63 -24.00 0.62
C ALA A 72 -8.24 -23.64 -0.74
N ASN A 73 -9.54 -23.92 -0.92
CA ASN A 73 -10.28 -23.56 -2.13
C ASN A 73 -10.39 -22.05 -2.31
N GLU A 74 -10.81 -21.36 -1.25
CA GLU A 74 -10.95 -19.90 -1.26
C GLU A 74 -9.99 -19.28 -0.25
N THR A 75 -8.95 -18.63 -0.76
CA THR A 75 -7.98 -17.88 0.06
C THR A 75 -7.67 -16.51 -0.54
N GLY A 76 -7.24 -16.49 -1.80
CA GLY A 76 -6.97 -15.26 -2.56
C GLY A 76 -8.07 -14.20 -2.55
N PRO A 77 -9.34 -14.60 -2.74
CA PRO A 77 -10.46 -13.64 -2.62
C PRO A 77 -10.65 -13.02 -1.23
N ALA A 78 -10.25 -13.73 -0.17
CA ALA A 78 -10.22 -13.15 1.18
C ALA A 78 -9.12 -12.09 1.32
N MET A 79 -8.03 -12.26 0.58
CA MET A 79 -6.96 -11.25 0.51
C MET A 79 -7.44 -10.02 -0.26
N TRP A 80 -8.17 -10.25 -1.35
CA TRP A 80 -8.69 -9.17 -2.21
C TRP A 80 -9.81 -8.39 -1.52
N ASP A 81 -10.66 -9.09 -0.74
CA ASP A 81 -11.67 -8.44 0.10
C ASP A 81 -11.04 -7.63 1.21
N LEU A 82 -9.98 -8.17 1.82
CA LEU A 82 -9.19 -7.46 2.84
C LEU A 82 -8.46 -6.26 2.23
N ALA A 83 -7.97 -6.42 1.00
CA ALA A 83 -7.36 -5.32 0.24
C ALA A 83 -8.38 -4.23 -0.12
N ARG A 84 -9.60 -4.64 -0.45
CA ARG A 84 -10.71 -3.69 -0.69
C ARG A 84 -11.14 -2.97 0.59
N ALA A 85 -10.98 -3.62 1.74
CA ALA A 85 -11.17 -2.95 3.04
C ALA A 85 -10.08 -1.89 3.29
N TYR A 86 -8.83 -2.23 2.94
CA TYR A 86 -7.72 -1.26 2.98
C TYR A 86 -7.84 -0.18 1.90
N ALA A 87 -8.54 -0.49 0.79
CA ALA A 87 -8.85 0.52 -0.23
C ALA A 87 -9.83 1.59 0.27
N ASP A 88 -10.83 1.18 1.06
CA ASP A 88 -11.81 2.11 1.63
C ASP A 88 -11.18 2.99 2.72
N VAL A 89 -11.00 2.45 3.93
CA VAL A 89 -10.26 3.16 4.99
C VAL A 89 -8.76 2.96 4.76
N GLN A 90 -7.98 4.03 4.89
CA GLN A 90 -6.59 4.04 4.44
C GLN A 90 -5.69 3.20 5.34
N SER A 91 -4.56 2.74 4.77
CA SER A 91 -3.67 1.80 5.44
C SER A 91 -2.92 2.45 6.60
N SER A 92 -3.10 1.87 7.79
CA SER A 92 -2.46 2.36 9.02
C SER A 92 -2.50 1.29 10.11
N LYS A 93 -1.78 1.55 11.20
CA LYS A 93 -1.78 0.68 12.37
C LYS A 93 -3.06 0.84 13.17
N SER A 94 -3.70 2.00 13.14
CA SER A 94 -4.98 2.21 13.86
C SER A 94 -6.15 2.35 12.87
N ALA A 95 -6.06 1.63 11.76
CA ALA A 95 -6.99 1.71 10.63
C ALA A 95 -8.42 1.35 11.06
N GLN A 96 -8.54 0.24 11.79
CA GLN A 96 -9.83 -0.26 12.30
C GLN A 96 -10.76 -0.67 11.16
N LEU A 97 -10.58 -1.90 10.68
CA LEU A 97 -11.25 -2.39 9.45
C LEU A 97 -12.73 -2.74 9.66
N ILE A 98 -13.08 -3.17 10.88
CA ILE A 98 -14.48 -3.48 11.31
C ILE A 98 -15.36 -4.22 10.29
N GLY A 99 -15.24 -5.54 10.25
CA GLY A 99 -16.09 -6.38 9.40
C GLY A 99 -15.68 -7.83 9.34
N ALA A 100 -16.65 -8.70 9.04
CA ALA A 100 -16.42 -10.13 8.88
C ALA A 100 -16.09 -10.47 7.43
N THR A 101 -15.27 -11.49 7.22
CA THR A 101 -14.91 -11.96 5.88
C THR A 101 -16.12 -12.62 5.19
N PRO A 102 -16.26 -12.44 3.85
CA PRO A 102 -17.38 -13.08 3.14
C PRO A 102 -17.33 -14.62 3.05
N SER A 103 -16.18 -15.22 3.34
CA SER A 103 -16.03 -16.68 3.39
C SER A 103 -16.95 -17.33 4.43
N ASN A 104 -16.96 -16.77 5.64
CA ASN A 104 -17.73 -17.31 6.76
C ASN A 104 -17.88 -16.28 7.90
N PRO A 105 -18.92 -16.46 8.75
CA PRO A 105 -19.07 -15.59 9.93
C PRO A 105 -18.07 -15.92 11.04
N ALA A 106 -18.00 -15.04 12.05
CA ALA A 106 -17.08 -15.15 13.20
C ALA A 106 -15.66 -14.66 12.92
N LEU A 107 -15.10 -15.03 11.77
CA LEU A 107 -13.75 -14.60 11.48
C LEU A 107 -13.78 -13.18 10.98
N SER A 108 -13.36 -12.29 11.87
CA SER A 108 -13.25 -10.85 11.60
C SER A 108 -11.99 -10.53 10.82
N ARG A 109 -12.03 -9.46 10.02
CA ARG A 109 -10.85 -8.96 9.30
C ARG A 109 -9.81 -8.31 10.24
N ARG A 110 -10.25 -7.93 11.44
CA ARG A 110 -9.36 -7.48 12.51
C ARG A 110 -8.33 -8.55 12.91
N ALA A 111 -8.77 -9.81 12.95
CA ALA A 111 -7.89 -10.95 13.25
C ALA A 111 -6.82 -11.14 12.18
N LEU A 112 -7.19 -10.95 10.92
CA LEU A 112 -6.25 -10.99 9.79
C LEU A 112 -5.35 -9.74 9.80
N ALA A 113 -5.91 -8.60 10.19
CA ALA A 113 -5.14 -7.36 10.37
C ALA A 113 -4.14 -7.43 11.53
N ALA A 114 -4.47 -8.18 12.58
CA ALA A 114 -3.58 -8.40 13.72
C ALA A 114 -2.48 -9.42 13.44
N GLN A 115 -2.74 -10.38 12.55
CA GLN A 115 -1.81 -11.47 12.24
C GLN A 115 -0.54 -11.03 11.47
N PHE A 116 -0.59 -9.88 10.79
CA PHE A 116 0.54 -9.37 10.01
C PHE A 116 1.84 -9.15 10.82
N ASP A 117 1.70 -8.81 12.10
CA ASP A 117 2.85 -8.53 12.97
C ASP A 117 3.70 -9.75 13.35
N ARG A 118 3.14 -10.95 13.23
CA ARG A 118 3.87 -12.20 13.50
C ARG A 118 5.02 -12.46 12.52
N ILE A 119 4.81 -12.09 11.25
CA ILE A 119 5.78 -12.36 10.17
C ILE A 119 6.60 -11.12 9.73
N ASN A 120 6.57 -10.06 10.54
CA ASN A 120 7.29 -8.81 10.27
C ASN A 120 6.89 -8.17 8.93
N ILE A 121 5.58 -7.98 8.75
CA ILE A 121 5.02 -7.35 7.56
C ILE A 121 4.07 -6.23 7.99
N THR A 122 4.17 -5.09 7.31
CA THR A 122 3.29 -3.95 7.54
C THR A 122 2.08 -4.05 6.60
N PRO A 123 0.89 -3.61 7.03
CA PRO A 123 -0.26 -3.56 6.12
C PRO A 123 -0.04 -2.71 4.86
N ARG A 124 0.59 -1.55 5.04
CA ARG A 124 1.03 -0.67 3.93
C ARG A 124 1.89 -1.41 2.88
N GLN A 125 2.78 -2.29 3.35
CA GLN A 125 3.59 -3.13 2.46
C GLN A 125 2.76 -4.25 1.82
N PHE A 126 1.87 -4.83 2.60
CA PHE A 126 0.97 -5.90 2.16
C PHE A 126 -0.03 -5.47 1.07
N CYS A 127 -0.64 -4.31 1.25
CA CYS A 127 -1.72 -3.84 0.34
C CYS A 127 -1.24 -3.45 -1.06
N MET A 128 0.01 -3.03 -1.19
CA MET A 128 0.62 -2.75 -2.50
C MET A 128 0.78 -3.99 -3.39
N TYR A 129 0.82 -5.17 -2.76
CA TYR A 129 0.85 -6.46 -3.47
C TYR A 129 -0.42 -6.70 -4.30
N PHE A 130 -1.57 -6.27 -3.77
CA PHE A 130 -2.86 -6.36 -4.46
C PHE A 130 -3.40 -5.01 -4.98
N ALA A 131 -2.50 -4.08 -5.29
CA ALA A 131 -2.91 -2.75 -5.76
C ALA A 131 -3.53 -2.80 -7.16
N LYS A 132 -2.97 -3.64 -8.02
CA LYS A 132 -3.52 -3.89 -9.36
C LYS A 132 -4.84 -4.68 -9.29
N VAL A 133 -4.96 -5.58 -8.32
CA VAL A 133 -6.19 -6.36 -8.12
C VAL A 133 -7.31 -5.46 -7.58
N VAL A 134 -6.96 -4.58 -6.64
CA VAL A 134 -7.90 -3.56 -6.13
C VAL A 134 -8.34 -2.63 -7.27
N TRP A 135 -7.40 -2.15 -8.06
CA TRP A 135 -7.69 -1.29 -9.22
C TRP A 135 -8.59 -1.98 -10.26
N ASN A 136 -8.43 -3.30 -10.43
CA ASN A 136 -9.26 -4.08 -11.35
C ASN A 136 -10.69 -4.24 -10.81
N ILE A 137 -10.81 -4.70 -9.57
CA ILE A 137 -12.13 -4.91 -8.93
C ILE A 137 -12.84 -3.63 -8.44
N LEU A 138 -12.14 -2.49 -8.49
CA LEU A 138 -12.74 -1.18 -8.23
C LEU A 138 -13.28 -0.56 -9.52
N LEU A 139 -12.43 -0.51 -10.55
CA LEU A 139 -12.74 0.20 -11.80
C LEU A 139 -13.76 -0.51 -12.70
N ASP A 140 -13.92 -1.82 -12.56
CA ASP A 140 -14.93 -2.58 -13.32
C ASP A 140 -16.37 -2.12 -13.00
N SER A 141 -16.61 -1.75 -11.75
CA SER A 141 -17.85 -1.10 -11.32
C SER A 141 -17.69 0.41 -11.36
N ASN A 142 -18.78 1.13 -11.11
CA ASN A 142 -18.77 2.59 -11.00
C ASN A 142 -18.69 3.08 -9.54
N ILE A 143 -18.20 2.22 -8.64
CA ILE A 143 -18.12 2.51 -7.20
C ILE A 143 -16.73 3.05 -6.87
N PRO A 144 -16.63 4.23 -6.24
CA PRO A 144 -15.34 4.76 -5.77
C PRO A 144 -15.00 4.26 -4.36
N PRO A 145 -13.84 4.69 -3.82
CA PRO A 145 -13.55 4.47 -2.39
C PRO A 145 -14.51 5.27 -1.49
N ALA A 146 -14.57 4.88 -0.21
CA ALA A 146 -15.53 5.43 0.74
C ALA A 146 -15.36 6.93 0.99
N ASN A 147 -14.12 7.40 1.04
CA ASN A 147 -13.79 8.81 1.33
C ASN A 147 -12.87 9.41 0.27
N TRP A 148 -13.40 10.31 -0.55
CA TRP A 148 -12.62 11.11 -1.51
C TRP A 148 -12.87 12.63 -1.47
N ALA A 149 -13.84 13.10 -0.69
CA ALA A 149 -14.15 14.52 -0.56
C ALA A 149 -13.29 15.22 0.50
N LYS A 150 -12.89 14.48 1.53
CA LYS A 150 -12.10 15.02 2.64
C LYS A 150 -10.64 15.29 2.22
N LEU A 151 -10.05 14.33 1.51
CA LEU A 151 -8.67 14.42 1.03
C LEU A 151 -8.49 15.46 -0.08
N GLY A 152 -9.56 15.78 -0.80
CA GLY A 152 -9.56 16.84 -1.82
C GLY A 152 -9.29 16.38 -3.24
N TYR A 153 -9.73 15.16 -3.57
CA TYR A 153 -9.64 14.63 -4.93
C TYR A 153 -10.86 15.09 -5.74
N GLN A 154 -10.64 15.41 -7.01
CA GLN A 154 -11.70 15.82 -7.93
C GLN A 154 -12.53 14.59 -8.35
N GLU A 155 -13.77 14.84 -8.79
CA GLU A 155 -14.70 13.78 -9.24
C GLU A 155 -14.16 12.91 -10.38
N ASP A 156 -13.36 13.51 -11.27
CA ASP A 156 -12.69 12.76 -12.35
C ASP A 156 -11.64 11.77 -11.81
N THR A 157 -10.93 12.18 -10.76
CA THR A 157 -9.90 11.34 -10.12
C THR A 157 -10.35 10.75 -8.76
N LYS A 158 -11.65 10.55 -8.58
CA LYS A 158 -12.21 10.00 -7.33
C LYS A 158 -11.90 8.51 -7.13
N PHE A 159 -11.76 7.77 -8.24
CA PHE A 159 -11.38 6.35 -8.17
C PHE A 159 -9.94 6.16 -7.66
N ALA A 160 -9.06 7.10 -7.99
CA ALA A 160 -7.66 7.07 -7.55
C ALA A 160 -7.43 7.53 -6.09
N ALA A 161 -8.49 7.97 -5.41
CA ALA A 161 -8.39 8.47 -4.02
C ALA A 161 -8.25 7.35 -2.99
N PHE A 162 -7.10 6.70 -2.97
CA PHE A 162 -6.82 5.63 -1.99
C PHE A 162 -5.32 5.37 -1.87
N ASP A 163 -4.92 4.82 -0.71
CA ASP A 163 -3.52 4.46 -0.42
C ASP A 163 -3.05 3.36 -1.36
N PHE A 164 -1.76 3.04 -1.36
CA PHE A 164 -1.15 2.03 -2.25
C PHE A 164 -1.54 2.18 -3.73
N PHE A 165 -1.67 3.44 -4.17
CA PHE A 165 -1.92 3.77 -5.58
C PHE A 165 -0.64 3.66 -6.39
N ASP A 166 0.52 3.84 -5.74
CA ASP A 166 1.82 3.61 -6.36
C ASP A 166 2.09 2.13 -6.66
N GLY A 167 1.33 1.23 -6.03
CA GLY A 167 1.37 -0.20 -6.32
C GLY A 167 0.91 -0.62 -7.72
N VAL A 168 0.14 0.23 -8.40
CA VAL A 168 -0.26 -0.05 -9.79
C VAL A 168 0.87 0.21 -10.80
N THR A 169 1.73 1.20 -10.50
CA THR A 169 2.78 1.63 -11.43
C THR A 169 4.12 0.86 -11.33
N ASN A 170 4.24 -0.04 -10.35
CA ASN A 170 5.48 -0.84 -10.16
C ASN A 170 5.26 -2.34 -10.49
N PRO A 171 6.36 -3.09 -10.73
CA PRO A 171 6.21 -4.53 -11.05
C PRO A 171 5.89 -5.47 -9.88
N ALA A 172 5.96 -4.98 -8.64
CA ALA A 172 5.76 -5.82 -7.44
C ALA A 172 4.38 -6.46 -7.32
N SER A 173 3.36 -5.78 -7.85
CA SER A 173 2.00 -6.32 -7.89
C SER A 173 1.90 -7.52 -8.84
N LEU A 174 0.87 -8.34 -8.63
CA LEU A 174 0.73 -9.63 -9.33
C LEU A 174 0.47 -9.56 -10.84
N GLN A 175 -0.04 -8.42 -11.31
CA GLN A 175 -0.31 -8.15 -12.74
C GLN A 175 -0.98 -9.32 -13.49
N PRO A 176 -2.31 -9.51 -13.29
CA PRO A 176 -2.97 -10.71 -13.84
C PRO A 176 -2.97 -10.79 -15.36
N ALA A 177 -3.25 -11.99 -15.89
CA ALA A 177 -3.11 -12.29 -17.33
C ALA A 177 -3.94 -11.38 -18.24
N ASP A 178 -5.15 -11.02 -17.81
CA ASP A 178 -5.99 -10.06 -18.54
C ASP A 178 -5.38 -8.64 -18.55
N GLY A 179 -4.66 -8.29 -17.49
CA GLY A 179 -4.00 -6.99 -17.36
C GLY A 179 -4.90 -5.98 -16.68
N LEU A 180 -4.42 -4.74 -16.58
CA LEU A 180 -5.21 -3.64 -16.03
C LEU A 180 -6.29 -3.24 -17.02
N ILE A 181 -7.40 -2.71 -16.50
CA ILE A 181 -8.50 -2.24 -17.34
C ILE A 181 -8.10 -0.97 -18.08
N ARG A 182 -7.35 -0.09 -17.40
CA ARG A 182 -6.87 1.16 -17.99
C ARG A 182 -5.59 1.65 -17.31
N GLN A 183 -4.70 2.27 -18.08
CA GLN A 183 -3.48 2.89 -17.57
C GLN A 183 -3.86 4.19 -16.86
N PRO A 184 -3.43 4.37 -15.58
CA PRO A 184 -3.72 5.64 -14.88
C PRO A 184 -3.13 6.88 -15.54
N ASN A 185 -3.91 7.96 -15.58
CA ASN A 185 -3.50 9.22 -16.19
C ASN A 185 -2.58 10.01 -15.25
N GLU A 186 -1.81 10.94 -15.83
CA GLU A 186 -0.91 11.82 -15.06
C GLU A 186 -1.64 12.71 -14.03
N LYS A 187 -2.89 13.06 -14.31
CA LYS A 187 -3.70 13.87 -13.39
C LYS A 187 -4.04 13.13 -12.09
N GLU A 188 -4.12 11.79 -12.16
CA GLU A 188 -4.34 10.95 -10.96
C GLU A 188 -3.08 10.90 -10.09
N LEU A 189 -1.92 10.78 -10.71
CA LEU A 189 -0.62 10.75 -10.01
C LEU A 189 -0.29 12.11 -9.38
N ALA A 190 -0.52 13.18 -10.13
CA ALA A 190 -0.29 14.55 -9.64
C ALA A 190 -1.22 14.92 -8.48
N ALA A 191 -2.47 14.48 -8.57
CA ALA A 191 -3.44 14.66 -7.47
C ALA A 191 -3.10 13.81 -6.25
N HIS A 192 -2.63 12.58 -6.49
CA HIS A 192 -2.19 11.67 -5.42
C HIS A 192 -0.90 12.15 -4.74
N SER A 193 -0.04 12.83 -5.48
CA SER A 193 1.22 13.36 -4.94
C SER A 193 0.99 14.49 -3.94
N VAL A 194 0.26 15.52 -4.36
CA VAL A 194 -0.07 16.66 -3.49
C VAL A 194 -1.00 16.28 -2.33
N ALA A 195 -1.87 15.29 -2.55
CA ALA A 195 -2.74 14.75 -1.49
C ALA A 195 -1.96 14.02 -0.39
N LYS A 196 -0.84 13.39 -0.75
CA LYS A 196 0.05 12.75 0.22
C LYS A 196 0.69 13.79 1.14
N TYR A 197 1.31 14.81 0.54
CA TYR A 197 1.95 15.88 1.30
C TYR A 197 0.95 16.72 2.09
N GLY A 198 -0.26 16.90 1.53
CA GLY A 198 -1.35 17.59 2.22
C GLY A 198 -1.88 16.81 3.42
N ALA A 199 -2.13 15.52 3.22
CA ALA A 199 -2.62 14.64 4.29
C ALA A 199 -1.59 14.38 5.39
N LEU A 200 -0.33 14.21 5.00
CA LEU A 200 0.78 14.00 5.95
C LEU A 200 1.06 15.24 6.78
N ALA A 201 1.09 16.41 6.14
CA ALA A 201 1.30 17.69 6.83
C ALA A 201 0.14 18.03 7.78
N ARG A 202 -1.08 17.80 7.32
CA ARG A 202 -2.29 17.98 8.13
C ARG A 202 -2.23 17.20 9.45
N GLN A 203 -1.73 15.97 9.38
CA GLN A 203 -1.44 15.16 10.57
C GLN A 203 -0.25 15.70 11.35
N LYS A 204 0.84 16.04 10.64
CA LYS A 204 2.08 16.51 11.27
C LYS A 204 1.93 17.77 12.12
N ILE A 205 1.00 18.66 11.75
CA ILE A 205 0.71 19.86 12.56
C ILE A 205 0.18 19.46 13.94
N SER A 206 -0.65 18.41 13.99
CA SER A 206 -1.08 17.81 15.26
C SER A 206 0.00 16.86 15.79
N THR A 207 0.80 17.36 16.75
CA THR A 207 1.86 16.58 17.42
C THR A 207 3.03 16.27 16.49
N GLY A 208 3.71 17.33 16.04
CA GLY A 208 4.90 17.23 15.20
C GLY A 208 6.15 17.77 15.88
N ASN A 209 7.28 17.65 15.18
CA ASN A 209 8.60 18.09 15.65
C ASN A 209 9.01 17.75 17.11
N TYR A 210 8.60 16.58 17.59
CA TYR A 210 9.13 15.99 18.82
C TYR A 210 8.96 14.47 18.85
N ILE A 211 9.96 13.79 19.40
CA ILE A 211 10.04 12.31 19.37
C ILE A 211 10.03 11.60 20.73
N THR A 212 10.40 12.30 21.80
CA THR A 212 10.51 11.70 23.14
C THR A 212 9.17 11.33 23.77
N THR A 213 8.13 12.13 23.51
CA THR A 213 6.86 11.88 24.17
C THR A 213 7.21 12.06 25.65
N LEU A 214 6.87 11.09 26.49
CA LEU A 214 7.19 11.12 27.92
C LEU A 214 6.39 12.07 28.82
N GLY A 215 6.41 13.39 28.57
CA GLY A 215 5.63 14.26 29.47
C GLY A 215 6.46 15.37 30.09
N GLU A 216 7.77 15.17 30.20
CA GLU A 216 8.69 16.16 30.76
C GLU A 216 9.09 17.22 29.73
N VAL A 217 9.31 16.78 28.49
CA VAL A 217 9.63 17.68 27.38
C VAL A 217 8.37 18.46 26.99
N THR A 218 7.33 17.72 26.63
CA THR A 218 6.02 18.31 26.36
C THR A 218 5.26 18.44 27.68
N ARG A 219 5.41 19.61 28.32
CA ARG A 219 4.80 19.89 29.63
C ARG A 219 3.27 19.80 29.56
N GLY A 220 2.71 20.28 28.46
CA GLY A 220 1.30 20.15 28.14
C GLY A 220 1.18 20.23 26.62
N HIS A 221 0.39 21.19 26.14
CA HIS A 221 0.39 21.60 24.73
C HIS A 221 0.08 20.46 23.73
N MET A 222 1.05 19.55 23.52
CA MET A 222 0.91 18.36 22.67
C MET A 222 0.65 18.70 21.20
N GLY A 223 -0.59 19.09 20.86
CA GLY A 223 -0.94 19.44 19.50
C GLY A 223 -0.45 20.83 19.14
N GLY A 224 -0.28 21.08 17.84
CA GLY A 224 0.09 22.39 17.35
C GLY A 224 -1.08 23.38 17.40
N ALA A 225 -0.88 24.55 16.83
CA ALA A 225 -1.90 25.60 16.82
C ALA A 225 -2.72 25.58 15.52
N ASN A 226 -3.31 24.41 15.24
CA ASN A 226 -4.20 24.17 14.09
C ASN A 226 -3.57 24.33 12.69
N THR A 227 -4.29 23.83 11.70
CA THR A 227 -3.94 24.01 10.27
C THR A 227 -4.63 25.23 9.64
N MET A 228 -5.33 26.03 10.46
CA MET A 228 -6.00 27.25 9.99
C MET A 228 -5.02 28.36 9.59
N TYR A 229 -3.78 28.31 10.10
CA TYR A 229 -2.74 29.23 9.65
C TYR A 229 -2.34 29.00 8.19
N ALA A 230 -2.35 27.75 7.73
CA ALA A 230 -1.96 27.39 6.36
C ALA A 230 -2.72 28.17 5.28
N ILE A 231 -4.03 28.32 5.45
CA ILE A 231 -4.86 29.13 4.54
C ILE A 231 -4.56 30.63 4.61
N ASP A 232 -4.14 31.13 5.78
CA ASP A 232 -3.81 32.56 5.95
C ASP A 232 -2.30 32.92 5.83
N ALA A 233 -1.44 32.26 6.60
CA ALA A 233 0.02 32.45 6.51
C ALA A 233 0.71 31.20 5.93
N PRO A 234 1.48 31.37 4.83
CA PRO A 234 2.25 30.23 4.26
C PRO A 234 3.19 29.45 5.20
N PRO A 235 3.98 30.13 6.06
CA PRO A 235 4.87 29.37 6.95
C PRO A 235 4.12 28.64 8.08
N GLU A 236 4.58 27.42 8.39
CA GLU A 236 3.95 26.57 9.42
C GLU A 236 5.00 25.98 10.37
N LEU A 237 4.51 25.46 11.49
CA LEU A 237 5.37 24.86 12.51
C LEU A 237 5.77 23.44 12.11
#